data_6DYU
#
_entry.id   6DYU
#
_cell.length_a   73.255
_cell.length_b   73.255
_cell.length_c   176.142
_cell.angle_alpha   90.00
_cell.angle_beta   90.00
_cell.angle_gamma   90.00
#
_symmetry.space_group_name_H-M   'P 41 21 2'
#
loop_
_entity.id
_entity.type
_entity.pdbx_description
1 polymer "5'-methylthioadenosine/S-adenosylhomocysteine nucleosidase"
2 non-polymer 1,2-ETHANEDIOL
3 non-polymer (3R,4S)-1-[(4-amino-5H-pyrrolo[3,2-d]pyrimidin-7-yl)methyl]-4-{[(prop-2-yn-1-yl)sulfanyl]methyl}pyrrolidin-3-ol
4 non-polymer 'AMMONIUM ION'
5 water water
#
_entity_poly.entity_id   1
_entity_poly.type   'polypeptide(L)'
_entity_poly.pdbx_seq_one_letter_code
;MGHHHHHHENLYFQGVQKIGILGAMREEITPILELFGVDFEEIPLGGNVFHKGVYHNKEIIVAYSKIGKVHSTLTTTSMI
LAFGVQKVLFSGVAGSLVKDLKINDLLVATQLVQHDVDLSAFDHPLGFIPESAIFIETSGSLNALAKKIANEQHIALKEG
VIASGDQFVHSKERKEFLVSEFKASAVEMEGASVAFVCQKFGVPCCVLRSISDNADEKAGMSFDEFLEKSAHTSAKFLKS
MVDEL
;
_entity_poly.pdbx_strand_id   A,B
#
loop_
_chem_comp.id
_chem_comp.type
_chem_comp.name
_chem_comp.formula
EDO non-polymer 1,2-ETHANEDIOL 'C2 H6 O2'
NH4 non-polymer 'AMMONIUM ION' 'H4 N 1'
OS2 non-polymer (3R,4S)-1-[(4-amino-5H-pyrrolo[3,2-d]pyrimidin-7-yl)methyl]-4-{[(prop-2-yn-1-yl)sulfanyl]methyl}pyrrolidin-3-ol 'C15 H19 N5 O S'
#
# COMPACT_ATOMS: atom_id res chain seq x y z
N GLN A 14 15.43 -15.09 31.08
CA GLN A 14 13.98 -15.03 31.42
C GLN A 14 13.37 -13.61 31.35
N GLY A 15 13.96 -12.72 30.53
CA GLY A 15 13.30 -11.47 30.16
C GLY A 15 12.21 -11.67 29.12
N VAL A 16 11.55 -10.59 28.75
CA VAL A 16 10.57 -10.63 27.65
C VAL A 16 11.33 -10.83 26.34
N GLN A 17 10.82 -11.71 25.49
CA GLN A 17 11.41 -12.00 24.19
C GLN A 17 11.25 -10.74 23.33
N LYS A 18 12.32 -10.32 22.67
CA LYS A 18 12.32 -9.13 21.79
C LYS A 18 12.46 -9.63 20.34
N ILE A 19 11.48 -9.30 19.50
CA ILE A 19 11.45 -9.80 18.14
C ILE A 19 11.47 -8.61 17.18
N GLY A 20 12.45 -8.58 16.27
CA GLY A 20 12.51 -7.59 15.20
C GLY A 20 11.69 -8.07 14.01
N ILE A 21 10.88 -7.17 13.47
CA ILE A 21 10.03 -7.48 12.32
C ILE A 21 10.33 -6.40 11.27
N LEU A 22 10.82 -6.84 10.10
N LEU A 22 10.81 -6.84 10.10
CA LEU A 22 11.31 -5.93 9.09
CA LEU A 22 11.32 -5.93 9.08
C LEU A 22 10.62 -6.11 7.75
C LEU A 22 10.62 -6.11 7.75
N GLY A 23 10.31 -4.99 7.10
CA GLY A 23 10.00 -4.95 5.68
C GLY A 23 10.96 -3.96 5.05
N ALA A 24 10.95 -3.87 3.72
CA ALA A 24 11.77 -2.90 3.00
C ALA A 24 11.06 -1.58 2.75
N MET A 25 9.79 -1.67 2.35
CA MET A 25 8.99 -0.49 2.00
C MET A 25 7.90 -0.30 3.05
N ARG A 26 7.45 0.95 3.19
CA ARG A 26 6.33 1.24 4.11
C ARG A 26 5.13 0.31 3.84
N GLU A 27 4.85 0.06 2.57
CA GLU A 27 3.70 -0.78 2.19
C GLU A 27 3.83 -2.23 2.72
N GLU A 28 5.06 -2.69 2.95
CA GLU A 28 5.25 -4.04 3.47
C GLU A 28 4.99 -4.13 4.97
N ILE A 29 5.12 -3.01 5.69
CA ILE A 29 4.86 -3.00 7.13
C ILE A 29 3.46 -2.49 7.52
N THR A 30 2.80 -1.73 6.66
CA THR A 30 1.41 -1.30 6.93
C THR A 30 0.51 -2.45 7.38
N PRO A 31 0.47 -3.57 6.62
CA PRO A 31 -0.37 -4.69 7.10
C PRO A 31 0.13 -5.35 8.38
N ILE A 32 1.44 -5.32 8.61
CA ILE A 32 2.00 -5.84 9.85
C ILE A 32 1.48 -5.06 11.06
N LEU A 33 1.60 -3.74 11.00
CA LEU A 33 1.14 -2.90 12.10
C LEU A 33 -0.37 -3.08 12.33
N GLU A 34 -1.12 -3.16 11.24
CA GLU A 34 -2.58 -3.33 11.33
C GLU A 34 -2.94 -4.67 11.95
N LEU A 35 -2.29 -5.73 11.48
CA LEU A 35 -2.65 -7.09 11.92
C LEU A 35 -2.32 -7.33 13.38
N PHE A 36 -1.21 -6.81 13.89
CA PHE A 36 -0.89 -7.00 15.31
C PHE A 36 -1.89 -6.24 16.19
N GLY A 37 -2.34 -5.09 15.71
CA GLY A 37 -3.47 -4.39 16.33
C GLY A 37 -3.21 -3.82 17.70
N VAL A 38 -1.93 -3.61 18.03
CA VAL A 38 -1.53 -3.09 19.34
C VAL A 38 -1.03 -1.66 19.18
N ASP A 39 -0.89 -0.96 20.30
CA ASP A 39 -0.36 0.39 20.28
C ASP A 39 1.15 0.31 20.15
N PHE A 40 1.69 1.14 19.26
CA PHE A 40 3.14 1.20 19.03
C PHE A 40 3.68 2.58 19.39
N GLU A 41 4.82 2.62 20.07
CA GLU A 41 5.61 3.82 20.28
C GLU A 41 6.57 3.97 19.08
N GLU A 42 6.59 5.16 18.48
CA GLU A 42 7.44 5.42 17.33
C GLU A 42 8.74 6.03 17.81
N ILE A 43 9.86 5.40 17.44
CA ILE A 43 11.18 5.78 17.92
C ILE A 43 12.07 6.00 16.70
N PRO A 44 12.48 7.25 16.44
CA PRO A 44 13.37 7.51 15.31
C PRO A 44 14.84 7.21 15.66
N LEU A 45 15.56 6.59 14.71
CA LEU A 45 16.99 6.32 14.88
C LEU A 45 17.60 6.00 13.52
N GLY A 46 18.71 6.66 13.19
CA GLY A 46 19.46 6.38 11.94
C GLY A 46 18.65 6.45 10.66
N GLY A 47 17.66 7.35 10.60
CA GLY A 47 16.83 7.52 9.42
C GLY A 47 15.68 6.56 9.28
N ASN A 48 15.48 5.69 10.29
CA ASN A 48 14.34 4.78 10.33
C ASN A 48 13.42 5.18 11.47
N VAL A 49 12.16 4.73 11.37
CA VAL A 49 11.22 4.82 12.48
C VAL A 49 10.92 3.40 12.96
N PHE A 50 11.23 3.14 14.23
CA PHE A 50 10.95 1.84 14.83
C PHE A 50 9.66 1.92 15.64
N HIS A 51 8.78 0.94 15.40
CA HIS A 51 7.48 0.87 16.07
C HIS A 51 7.56 -0.20 17.13
N LYS A 52 7.52 0.21 18.40
CA LYS A 52 7.75 -0.70 19.52
C LYS A 52 6.44 -0.95 20.24
N GLY A 53 6.07 -2.23 20.34
CA GLY A 53 4.81 -2.64 20.96
C GLY A 53 4.95 -3.91 21.76
N VAL A 54 3.89 -4.25 22.50
CA VAL A 54 3.87 -5.48 23.30
C VAL A 54 2.75 -6.35 22.78
N TYR A 55 3.05 -7.63 22.61
CA TYR A 55 2.13 -8.60 22.04
C TYR A 55 2.41 -9.98 22.68
N HIS A 56 1.50 -10.48 23.52
CA HIS A 56 1.61 -11.84 24.11
C HIS A 56 2.97 -12.21 24.78
N ASN A 57 3.40 -11.41 25.75
CA ASN A 57 4.68 -11.61 26.47
C ASN A 57 5.90 -11.35 25.59
N LYS A 58 5.71 -10.71 24.44
CA LYS A 58 6.81 -10.40 23.54
C LYS A 58 6.80 -8.92 23.21
N GLU A 59 7.98 -8.36 23.13
CA GLU A 59 8.17 -7.02 22.67
C GLU A 59 8.49 -7.14 21.18
N ILE A 60 7.68 -6.49 20.36
CA ILE A 60 7.85 -6.50 18.91
C ILE A 60 8.33 -5.12 18.46
N ILE A 61 9.36 -5.11 17.61
N ILE A 61 9.36 -5.10 17.61
CA ILE A 61 9.92 -3.87 17.07
CA ILE A 61 9.92 -3.87 17.07
C ILE A 61 9.80 -3.98 15.56
C ILE A 61 9.80 -3.98 15.56
N VAL A 62 8.96 -3.15 14.95
CA VAL A 62 8.64 -3.21 13.52
C VAL A 62 9.21 -1.99 12.82
N ALA A 63 9.84 -2.19 11.67
CA ALA A 63 10.32 -1.08 10.86
C ALA A 63 10.39 -1.45 9.40
N TYR A 64 10.31 -0.44 8.53
CA TYR A 64 10.72 -0.64 7.14
C TYR A 64 12.09 0.00 6.95
N SER A 65 12.98 -0.70 6.24
CA SER A 65 14.36 -0.26 6.13
C SER A 65 14.58 0.87 5.12
N LYS A 66 13.69 0.92 4.13
CA LYS A 66 13.88 1.56 2.82
C LYS A 66 14.62 0.55 1.90
N ILE A 67 14.57 0.82 0.60
CA ILE A 67 14.87 -0.19 -0.41
C ILE A 67 16.36 -0.48 -0.52
N GLY A 68 16.70 -1.75 -0.67
CA GLY A 68 18.04 -2.14 -1.10
C GLY A 68 18.97 -2.60 0.01
N LYS A 69 20.20 -2.94 -0.40
CA LYS A 69 21.09 -3.66 0.49
C LYS A 69 21.66 -2.81 1.63
N VAL A 70 22.07 -1.60 1.32
CA VAL A 70 22.66 -0.71 2.32
C VAL A 70 21.59 -0.34 3.36
N HIS A 71 20.43 0.10 2.89
CA HIS A 71 19.32 0.44 3.80
C HIS A 71 19.01 -0.72 4.75
N SER A 72 18.81 -1.91 4.17
CA SER A 72 18.40 -3.05 4.98
C SER A 72 19.49 -3.52 5.93
N THR A 73 20.75 -3.41 5.52
CA THR A 73 21.87 -3.75 6.39
C THR A 73 21.88 -2.83 7.62
N LEU A 74 21.75 -1.55 7.37
CA LEU A 74 21.73 -0.53 8.43
C LEU A 74 20.60 -0.82 9.44
N THR A 75 19.39 -0.96 8.95
CA THR A 75 18.23 -1.14 9.83
C THR A 75 18.32 -2.41 10.64
N THR A 76 18.79 -3.50 10.02
CA THR A 76 18.92 -4.76 10.76
C THR A 76 19.95 -4.60 11.87
N THR A 77 21.06 -3.91 11.58
CA THR A 77 22.11 -3.68 12.56
C THR A 77 21.56 -2.82 13.74
N SER A 78 20.80 -1.80 13.40
CA SER A 78 20.13 -0.98 14.43
C SER A 78 19.17 -1.80 15.29
N MET A 79 18.35 -2.63 14.67
CA MET A 79 17.47 -3.51 15.45
C MET A 79 18.22 -4.32 16.48
N ILE A 80 19.34 -4.90 16.07
CA ILE A 80 20.11 -5.77 16.93
C ILE A 80 20.84 -4.98 18.03
N LEU A 81 21.54 -3.92 17.66
CA LEU A 81 22.39 -3.20 18.61
C LEU A 81 21.61 -2.23 19.49
N ALA A 82 20.66 -1.51 18.90
CA ALA A 82 19.91 -0.49 19.63
C ALA A 82 18.65 -0.99 20.31
N PHE A 83 18.00 -2.00 19.73
CA PHE A 83 16.74 -2.51 20.29
C PHE A 83 16.85 -3.89 20.92
N GLY A 84 18.03 -4.50 20.83
CA GLY A 84 18.31 -5.78 21.47
C GLY A 84 17.46 -6.94 21.01
N VAL A 85 17.05 -6.95 19.75
CA VAL A 85 16.19 -8.05 19.29
C VAL A 85 16.95 -9.39 19.32
N GLN A 86 16.25 -10.46 19.68
CA GLN A 86 16.82 -11.80 19.75
C GLN A 86 16.50 -12.65 18.52
N LYS A 87 15.51 -12.23 17.73
CA LYS A 87 15.19 -12.86 16.45
C LYS A 87 14.77 -11.78 15.49
N VAL A 88 14.97 -12.01 14.19
CA VAL A 88 14.52 -11.10 13.14
C VAL A 88 13.68 -11.88 12.12
N LEU A 89 12.47 -11.40 11.90
CA LEU A 89 11.58 -11.95 10.87
C LEU A 89 11.37 -10.88 9.81
N PHE A 90 11.62 -11.23 8.55
CA PHE A 90 11.43 -10.32 7.44
C PHE A 90 10.17 -10.72 6.68
N SER A 91 9.36 -9.73 6.32
CA SER A 91 8.17 -9.93 5.51
C SER A 91 8.11 -8.90 4.40
N GLY A 92 7.83 -9.35 3.19
CA GLY A 92 7.66 -8.44 2.04
C GLY A 92 7.38 -9.21 0.78
N VAL A 93 7.60 -8.55 -0.35
CA VAL A 93 7.27 -9.10 -1.64
C VAL A 93 8.52 -9.40 -2.46
N ALA A 94 8.37 -10.18 -3.53
CA ALA A 94 9.51 -10.60 -4.35
C ALA A 94 9.09 -10.92 -5.76
N GLY A 95 10.07 -10.93 -6.66
CA GLY A 95 9.85 -11.37 -8.03
C GLY A 95 10.09 -12.87 -8.13
N SER A 96 9.21 -13.57 -8.85
CA SER A 96 9.38 -15.00 -9.10
C SER A 96 10.33 -15.28 -10.25
N LEU A 97 11.21 -16.25 -10.05
CA LEU A 97 12.15 -16.69 -11.06
C LEU A 97 11.75 -18.05 -11.66
N VAL A 98 10.72 -18.68 -11.12
CA VAL A 98 10.38 -20.07 -11.48
C VAL A 98 8.88 -20.19 -11.75
N LYS A 99 8.54 -21.01 -12.75
CA LYS A 99 7.14 -21.16 -13.22
C LYS A 99 6.15 -21.51 -12.12
N ASP A 100 6.56 -22.34 -11.16
CA ASP A 100 5.66 -22.78 -10.09
C ASP A 100 5.45 -21.75 -8.96
N LEU A 101 6.21 -20.66 -8.96
CA LEU A 101 5.95 -19.58 -8.00
C LEU A 101 5.16 -18.51 -8.72
N LYS A 102 3.89 -18.40 -8.37
CA LYS A 102 2.95 -17.50 -9.02
C LYS A 102 2.63 -16.33 -8.12
N ILE A 103 2.03 -15.29 -8.71
CA ILE A 103 1.64 -14.09 -7.96
C ILE A 103 0.87 -14.50 -6.72
N ASN A 104 1.24 -13.91 -5.59
CA ASN A 104 0.67 -14.15 -4.25
C ASN A 104 1.24 -15.37 -3.52
N ASP A 105 1.99 -16.25 -4.19
CA ASP A 105 2.54 -17.41 -3.50
C ASP A 105 3.55 -16.96 -2.46
N LEU A 106 3.67 -17.77 -1.41
N LEU A 106 3.67 -17.77 -1.41
CA LEU A 106 4.55 -17.50 -0.29
CA LEU A 106 4.54 -17.47 -0.29
C LEU A 106 5.77 -18.38 -0.36
C LEU A 106 5.76 -18.37 -0.36
N LEU A 107 6.93 -17.79 -0.09
CA LEU A 107 8.22 -18.49 -0.11
C LEU A 107 8.96 -18.18 1.19
N VAL A 108 9.55 -19.19 1.81
CA VAL A 108 10.51 -18.99 2.87
C VAL A 108 11.91 -19.25 2.30
N ALA A 109 12.85 -18.34 2.56
CA ALA A 109 14.20 -18.43 2.01
C ALA A 109 15.04 -19.35 2.85
N THR A 110 15.56 -20.42 2.27
CA THR A 110 16.43 -21.32 2.98
C THR A 110 17.86 -20.82 2.94
N GLN A 111 18.32 -20.34 1.80
CA GLN A 111 19.57 -19.60 1.70
C GLN A 111 19.37 -18.39 0.83
N LEU A 112 20.24 -17.40 1.01
CA LEU A 112 20.20 -16.19 0.22
C LEU A 112 21.58 -15.86 -0.30
N VAL A 113 21.60 -15.15 -1.43
CA VAL A 113 22.85 -14.74 -2.06
C VAL A 113 22.75 -13.28 -2.48
N GLN A 114 23.89 -12.59 -2.47
CA GLN A 114 24.01 -11.27 -3.07
C GLN A 114 24.41 -11.47 -4.53
N HIS A 115 23.41 -11.41 -5.41
CA HIS A 115 23.58 -11.86 -6.78
C HIS A 115 24.41 -10.94 -7.64
N ASP A 116 24.58 -9.69 -7.18
CA ASP A 116 25.30 -8.66 -7.91
C ASP A 116 26.76 -8.48 -7.50
N VAL A 117 27.22 -9.27 -6.54
CA VAL A 117 28.61 -9.24 -6.11
C VAL A 117 29.52 -9.89 -7.17
N ASP A 118 30.56 -9.18 -7.56
CA ASP A 118 31.44 -9.65 -8.65
C ASP A 118 32.90 -9.32 -8.34
N LEU A 119 33.59 -10.33 -7.81
CA LEU A 119 35.04 -10.28 -7.59
C LEU A 119 35.73 -11.30 -8.51
N SER A 120 35.11 -11.55 -9.65
CA SER A 120 35.66 -12.49 -10.64
C SER A 120 37.01 -12.07 -11.20
N ALA A 121 37.39 -10.79 -11.10
CA ALA A 121 38.74 -10.36 -11.48
C ALA A 121 39.84 -11.09 -10.71
N PHE A 122 39.50 -11.59 -9.52
CA PHE A 122 40.44 -12.35 -8.69
C PHE A 122 40.06 -13.85 -8.65
N ASP A 123 39.31 -14.29 -9.66
CA ASP A 123 38.87 -15.68 -9.81
C ASP A 123 37.93 -16.17 -8.72
N HIS A 124 37.25 -15.24 -8.03
CA HIS A 124 36.22 -15.64 -7.10
C HIS A 124 34.94 -15.93 -7.86
N PRO A 125 34.18 -16.95 -7.42
CA PRO A 125 32.87 -17.14 -8.03
C PRO A 125 31.97 -15.95 -7.74
N LEU A 126 31.04 -15.73 -8.64
CA LEU A 126 30.08 -14.64 -8.47
C LEU A 126 29.29 -14.86 -7.17
N GLY A 127 29.02 -13.74 -6.46
CA GLY A 127 28.36 -13.79 -5.15
C GLY A 127 29.30 -13.90 -3.97
N PHE A 128 30.55 -14.30 -4.19
CA PHE A 128 31.49 -14.55 -3.11
C PHE A 128 32.31 -13.32 -2.74
N ILE A 129 32.46 -13.08 -1.46
CA ILE A 129 33.39 -12.10 -0.90
C ILE A 129 34.31 -12.80 0.10
N PRO A 130 35.61 -12.50 0.04
CA PRO A 130 36.52 -13.05 1.06
C PRO A 130 36.03 -12.81 2.48
N GLU A 131 36.24 -13.80 3.33
CA GLU A 131 35.81 -13.79 4.73
C GLU A 131 34.30 -13.89 4.86
N SER A 132 33.62 -14.32 3.78
CA SER A 132 32.20 -14.61 3.82
C SER A 132 31.91 -15.88 3.02
N ALA A 133 30.75 -15.97 2.39
CA ALA A 133 30.34 -17.12 1.60
C ALA A 133 29.34 -16.67 0.58
N ILE A 134 29.15 -17.46 -0.48
CA ILE A 134 28.16 -17.15 -1.49
C ILE A 134 26.77 -17.19 -0.86
N PHE A 135 26.45 -18.29 -0.18
CA PHE A 135 25.12 -18.50 0.37
C PHE A 135 25.10 -18.24 1.86
N ILE A 136 24.09 -17.50 2.30
CA ILE A 136 23.87 -17.16 3.69
C ILE A 136 22.67 -17.98 4.18
N GLU A 137 22.83 -18.71 5.29
CA GLU A 137 21.70 -19.50 5.80
C GLU A 137 20.82 -18.68 6.74
N THR A 138 19.55 -19.05 6.75
CA THR A 138 18.59 -18.60 7.72
C THR A 138 18.39 -19.67 8.78
N SER A 139 17.54 -19.40 9.75
CA SER A 139 17.36 -20.25 10.93
C SER A 139 16.58 -21.52 10.61
N GLY A 140 17.21 -22.67 10.82
CA GLY A 140 16.50 -23.94 10.61
C GLY A 140 15.31 -24.13 11.52
N SER A 141 15.42 -23.72 12.78
CA SER A 141 14.33 -23.83 13.70
C SER A 141 13.13 -22.97 13.29
N LEU A 142 13.40 -21.74 12.82
CA LEU A 142 12.32 -20.87 12.38
C LEU A 142 11.72 -21.35 11.06
N ASN A 143 12.56 -21.83 10.16
CA ASN A 143 12.05 -22.34 8.89
C ASN A 143 11.19 -23.59 9.13
N ALA A 144 11.60 -24.45 10.07
CA ALA A 144 10.78 -25.60 10.45
C ALA A 144 9.44 -25.18 11.03
N LEU A 145 9.43 -24.14 11.86
CA LEU A 145 8.18 -23.60 12.40
C LEU A 145 7.28 -23.11 11.27
N ALA A 146 7.85 -22.36 10.32
CA ALA A 146 7.06 -21.87 9.18
C ALA A 146 6.39 -23.03 8.44
N LYS A 147 7.17 -24.07 8.18
CA LYS A 147 6.65 -25.22 7.44
C LYS A 147 5.57 -25.96 8.22
N LYS A 148 5.77 -26.08 9.53
CA LYS A 148 4.79 -26.72 10.40
C LYS A 148 3.45 -25.97 10.38
N ILE A 149 3.53 -24.65 10.56
CA ILE A 149 2.32 -23.81 10.53
C ILE A 149 1.65 -23.89 9.16
N ALA A 150 2.41 -23.78 8.08
CA ALA A 150 1.82 -23.82 6.75
C ALA A 150 1.08 -25.13 6.51
N ASN A 151 1.66 -26.24 6.95
CA ASN A 151 1.03 -27.55 6.79
C ASN A 151 -0.27 -27.62 7.59
N GLU A 152 -0.24 -27.12 8.82
CA GLU A 152 -1.45 -27.08 9.66
C GLU A 152 -2.57 -26.21 9.08
N GLN A 153 -2.21 -25.09 8.48
CA GLN A 153 -3.20 -24.15 7.91
C GLN A 153 -3.53 -24.44 6.45
N HIS A 154 -2.94 -25.47 5.87
CA HIS A 154 -3.15 -25.82 4.46
C HIS A 154 -2.79 -24.68 3.54
N ILE A 155 -1.65 -24.05 3.85
CA ILE A 155 -1.12 -22.96 3.06
C ILE A 155 0.03 -23.55 2.27
N ALA A 156 0.06 -23.27 0.97
CA ALA A 156 1.17 -23.68 0.16
C ALA A 156 2.30 -22.71 0.53
N LEU A 157 3.37 -23.26 1.08
CA LEU A 157 4.55 -22.50 1.41
C LEU A 157 5.63 -23.19 0.65
N LYS A 158 6.30 -22.44 -0.23
CA LYS A 158 7.43 -22.95 -0.94
C LYS A 158 8.66 -22.54 -0.17
N GLU A 159 9.76 -23.19 -0.51
CA GLU A 159 11.05 -22.86 0.04
C GLU A 159 12.04 -22.80 -1.11
N GLY A 160 13.08 -22.00 -0.93
CA GLY A 160 14.17 -22.02 -1.89
C GLY A 160 15.14 -20.89 -1.64
N VAL A 161 16.04 -20.77 -2.60
CA VAL A 161 17.09 -19.76 -2.57
C VAL A 161 16.51 -18.44 -3.05
N ILE A 162 16.80 -17.37 -2.32
CA ILE A 162 16.43 -16.02 -2.75
C ILE A 162 17.70 -15.28 -3.11
N ALA A 163 17.66 -14.63 -4.27
CA ALA A 163 18.75 -13.77 -4.71
C ALA A 163 18.39 -12.32 -4.40
N SER A 164 19.33 -11.58 -3.83
CA SER A 164 19.15 -10.17 -3.51
C SER A 164 20.23 -9.34 -4.15
N GLY A 165 19.84 -8.19 -4.70
CA GLY A 165 20.80 -7.27 -5.29
C GLY A 165 20.20 -5.88 -5.30
N ASP A 166 20.97 -4.91 -5.78
CA ASP A 166 20.54 -3.51 -5.76
C ASP A 166 19.96 -3.08 -7.11
N GLN A 167 19.39 -4.04 -7.84
CA GLN A 167 18.66 -3.75 -9.08
C GLN A 167 17.27 -4.38 -9.02
N PHE A 168 16.26 -3.67 -9.53
CA PHE A 168 14.95 -4.26 -9.78
C PHE A 168 15.08 -5.05 -11.07
N VAL A 169 14.83 -6.34 -10.99
CA VAL A 169 15.05 -7.27 -12.13
C VAL A 169 13.78 -7.29 -12.98
N HIS A 170 13.95 -7.01 -14.27
CA HIS A 170 12.83 -6.92 -15.18
C HIS A 170 13.26 -7.31 -16.60
N SER A 171 13.96 -8.43 -16.68
CA SER A 171 14.42 -8.98 -17.96
C SER A 171 14.59 -10.48 -17.91
N LYS A 172 14.20 -11.13 -19.01
CA LYS A 172 14.45 -12.55 -19.18
C LYS A 172 15.91 -12.92 -18.97
N GLU A 173 16.82 -12.13 -19.50
CA GLU A 173 18.25 -12.43 -19.44
C GLU A 173 18.75 -12.46 -17.99
N ARG A 174 18.34 -11.47 -17.20
CA ARG A 174 18.83 -11.44 -15.81
C ARG A 174 18.17 -12.56 -14.98
N LYS A 175 16.88 -12.81 -15.19
CA LYS A 175 16.21 -13.94 -14.53
C LYS A 175 16.94 -15.25 -14.76
N GLU A 176 17.25 -15.52 -16.02
CA GLU A 176 17.93 -16.76 -16.37
C GLU A 176 19.32 -16.89 -15.76
N PHE A 177 20.04 -15.77 -15.67
CA PHE A 177 21.32 -15.74 -14.96
C PHE A 177 21.15 -16.16 -13.49
N LEU A 178 20.14 -15.61 -12.82
CA LEU A 178 19.94 -15.91 -11.42
C LEU A 178 19.64 -17.39 -11.18
N VAL A 179 18.89 -17.99 -12.11
CA VAL A 179 18.57 -19.41 -12.01
C VAL A 179 19.80 -20.26 -12.31
N SER A 180 20.50 -19.93 -13.39
N SER A 180 20.50 -19.93 -13.39
CA SER A 180 21.69 -20.70 -13.78
CA SER A 180 21.69 -20.70 -13.79
C SER A 180 22.82 -20.58 -12.78
C SER A 180 22.82 -20.58 -12.78
N GLU A 181 23.09 -19.36 -12.31
CA GLU A 181 24.24 -19.12 -11.43
C GLU A 181 24.00 -19.58 -9.98
N PHE A 182 22.82 -19.29 -9.44
CA PHE A 182 22.54 -19.46 -8.03
C PHE A 182 21.41 -20.44 -7.70
N LYS A 183 20.75 -20.98 -8.72
CA LYS A 183 19.56 -21.82 -8.55
C LYS A 183 18.53 -21.09 -7.67
N ALA A 184 18.42 -19.77 -7.88
CA ALA A 184 17.47 -18.98 -7.10
C ALA A 184 16.04 -19.21 -7.58
N SER A 185 15.10 -19.10 -6.65
CA SER A 185 13.66 -19.19 -6.92
C SER A 185 12.95 -17.84 -6.98
N ALA A 186 13.50 -16.87 -6.26
CA ALA A 186 12.90 -15.53 -6.22
C ALA A 186 14.00 -14.48 -6.10
N VAL A 187 13.63 -13.24 -6.42
CA VAL A 187 14.56 -12.12 -6.42
C VAL A 187 13.98 -10.92 -5.65
N GLU A 188 14.85 -10.26 -4.90
CA GLU A 188 14.44 -9.09 -4.16
C GLU A 188 15.71 -8.27 -3.87
N MET A 189 15.64 -7.31 -2.96
CA MET A 189 16.75 -6.36 -2.81
C MET A 189 17.24 -6.22 -1.38
N GLU A 190 16.83 -7.12 -0.49
CA GLU A 190 17.12 -6.96 0.94
C GLU A 190 17.36 -8.23 1.74
N GLY A 191 16.84 -9.37 1.28
CA GLY A 191 16.85 -10.55 2.14
C GLY A 191 18.25 -10.98 2.53
N ALA A 192 19.16 -11.02 1.55
CA ALA A 192 20.48 -11.51 1.80
C ALA A 192 21.23 -10.63 2.80
N SER A 193 21.04 -9.31 2.70
CA SER A 193 21.70 -8.40 3.61
C SER A 193 21.13 -8.51 5.03
N VAL A 194 19.82 -8.68 5.15
CA VAL A 194 19.18 -8.88 6.47
C VAL A 194 19.72 -10.18 7.09
N ALA A 195 19.69 -11.26 6.31
CA ALA A 195 20.14 -12.57 6.79
C ALA A 195 21.64 -12.55 7.13
N PHE A 196 22.42 -11.81 6.34
CA PHE A 196 23.84 -11.67 6.58
C PHE A 196 24.11 -10.99 7.93
N VAL A 197 23.46 -9.87 8.17
CA VAL A 197 23.67 -9.15 9.44
C VAL A 197 23.31 -10.08 10.60
N CYS A 198 22.19 -10.78 10.49
CA CYS A 198 21.77 -11.69 11.56
C CYS A 198 22.80 -12.78 11.80
N GLN A 199 23.34 -13.35 10.74
CA GLN A 199 24.39 -14.35 10.87
C GLN A 199 25.62 -13.77 11.61
N LYS A 200 26.03 -12.55 11.27
CA LYS A 200 27.21 -11.95 11.90
C LYS A 200 27.03 -11.73 13.41
N PHE A 201 25.80 -11.47 13.86
CA PHE A 201 25.50 -11.24 15.27
C PHE A 201 24.97 -12.49 15.99
N GLY A 202 24.85 -13.60 15.27
CA GLY A 202 24.28 -14.83 15.84
C GLY A 202 22.82 -14.74 16.19
N VAL A 203 22.05 -13.95 15.43
CA VAL A 203 20.64 -13.74 15.68
C VAL A 203 19.83 -14.59 14.69
N PRO A 204 18.92 -15.45 15.18
CA PRO A 204 18.06 -16.22 14.28
C PRO A 204 17.25 -15.34 13.34
N CYS A 205 17.21 -15.73 12.06
CA CYS A 205 16.54 -14.95 11.05
C CYS A 205 15.64 -15.82 10.19
N CYS A 206 14.46 -15.34 9.85
CA CYS A 206 13.59 -16.00 8.85
C CYS A 206 13.17 -14.95 7.84
N VAL A 207 13.30 -15.25 6.56
CA VAL A 207 12.91 -14.35 5.48
C VAL A 207 11.71 -14.93 4.72
N LEU A 208 10.59 -14.23 4.82
CA LEU A 208 9.35 -14.56 4.09
C LEU A 208 9.11 -13.57 2.97
N ARG A 209 8.68 -14.07 1.82
CA ARG A 209 8.32 -13.22 0.70
C ARG A 209 7.09 -13.76 -0.02
N SER A 210 6.21 -12.86 -0.46
CA SER A 210 5.11 -13.21 -1.32
C SER A 210 5.34 -12.61 -2.71
N ILE A 211 5.02 -13.37 -3.75
CA ILE A 211 5.37 -13.00 -5.09
C ILE A 211 4.49 -11.83 -5.58
N SER A 212 5.11 -10.77 -6.08
CA SER A 212 4.40 -9.61 -6.64
C SER A 212 4.47 -9.51 -8.16
N ASP A 213 5.41 -10.24 -8.78
CA ASP A 213 5.69 -10.10 -10.20
C ASP A 213 6.61 -11.24 -10.64
N ASN A 214 6.86 -11.32 -11.95
CA ASN A 214 7.68 -12.37 -12.53
C ASN A 214 9.05 -11.89 -13.00
N ALA A 215 9.51 -10.74 -12.51
CA ALA A 215 10.88 -10.28 -12.73
C ALA A 215 11.25 -10.19 -14.22
N ASP A 216 10.23 -9.92 -15.04
CA ASP A 216 10.38 -9.86 -16.48
C ASP A 216 10.03 -8.45 -16.94
N GLU A 217 9.82 -8.27 -18.24
CA GLU A 217 9.66 -6.96 -18.83
C GLU A 217 8.39 -6.25 -18.31
N LYS A 218 7.40 -6.99 -17.81
CA LYS A 218 6.18 -6.43 -17.22
C LYS A 218 6.20 -6.32 -15.70
N ALA A 219 7.37 -6.56 -15.09
CA ALA A 219 7.45 -6.65 -13.64
C ALA A 219 7.07 -5.35 -12.91
N GLY A 220 7.43 -4.20 -13.48
CA GLY A 220 7.12 -2.94 -12.83
C GLY A 220 5.61 -2.75 -12.66
N MET A 221 4.88 -3.01 -13.74
CA MET A 221 3.42 -2.90 -13.72
C MET A 221 2.76 -3.92 -12.80
N SER A 222 3.28 -5.15 -12.82
CA SER A 222 2.78 -6.21 -11.94
C SER A 222 3.02 -5.84 -10.48
N PHE A 223 4.24 -5.39 -10.19
CA PHE A 223 4.59 -4.96 -8.85
C PHE A 223 3.63 -3.88 -8.32
N ASP A 224 3.40 -2.84 -9.11
CA ASP A 224 2.50 -1.77 -8.66
C ASP A 224 1.08 -2.29 -8.40
N GLU A 225 0.63 -3.23 -9.23
CA GLU A 225 -0.70 -3.83 -9.06
C GLU A 225 -0.84 -4.68 -7.80
N PHE A 226 0.19 -5.47 -7.48
CA PHE A 226 0.08 -6.54 -6.49
C PHE A 226 0.81 -6.29 -5.18
N LEU A 227 1.53 -5.19 -5.08
CA LEU A 227 2.28 -4.89 -3.84
C LEU A 227 1.43 -5.01 -2.59
N GLU A 228 0.26 -4.37 -2.59
CA GLU A 228 -0.63 -4.38 -1.40
C GLU A 228 -1.05 -5.79 -1.01
N LYS A 229 -1.54 -6.55 -1.99
CA LYS A 229 -2.10 -7.86 -1.71
C LYS A 229 -0.99 -8.81 -1.26
N SER A 230 0.10 -8.82 -2.03
CA SER A 230 1.24 -9.69 -1.72
C SER A 230 1.87 -9.33 -0.35
N ALA A 231 1.98 -8.04 -0.06
CA ALA A 231 2.49 -7.61 1.25
C ALA A 231 1.61 -8.13 2.39
N HIS A 232 0.30 -8.08 2.20
CA HIS A 232 -0.62 -8.56 3.20
C HIS A 232 -0.53 -10.07 3.41
N THR A 233 -0.44 -10.82 2.33
CA THR A 233 -0.26 -12.28 2.38
C THR A 233 0.98 -12.65 3.22
N SER A 234 2.09 -11.97 2.95
CA SER A 234 3.30 -12.23 3.73
C SER A 234 3.12 -11.83 5.18
N ALA A 235 2.51 -10.66 5.41
CA ALA A 235 2.34 -10.15 6.76
C ALA A 235 1.49 -11.08 7.63
N LYS A 236 0.42 -11.59 7.04
CA LYS A 236 -0.49 -12.49 7.75
C LYS A 236 0.25 -13.75 8.18
N PHE A 237 1.12 -14.26 7.29
CA PHE A 237 1.89 -15.45 7.63
C PHE A 237 2.92 -15.14 8.71
N LEU A 238 3.56 -13.98 8.62
CA LEU A 238 4.52 -13.59 9.64
C LEU A 238 3.83 -13.51 11.01
N LYS A 239 2.65 -12.92 11.05
CA LYS A 239 1.93 -12.84 12.31
C LYS A 239 1.64 -14.24 12.88
N SER A 240 1.24 -15.16 12.02
CA SER A 240 0.97 -16.54 12.46
C SER A 240 2.21 -17.19 13.07
N MET A 241 3.39 -16.87 12.55
CA MET A 241 4.65 -17.33 13.15
C MET A 241 4.88 -16.72 14.54
N VAL A 242 4.72 -15.40 14.65
CA VAL A 242 4.92 -14.72 15.94
C VAL A 242 3.96 -15.28 16.99
N ASP A 243 2.74 -15.66 16.59
CA ASP A 243 1.77 -16.28 17.49
C ASP A 243 2.28 -17.57 18.14
N GLU A 244 3.24 -18.26 17.51
CA GLU A 244 3.82 -19.50 18.02
C GLU A 244 5.18 -19.33 18.69
N LEU A 245 5.72 -18.11 18.74
CA LEU A 245 7.03 -17.89 19.37
C LEU A 245 6.90 -17.76 20.87
N GLN B 14 -4.86 0.18 -29.68
CA GLN B 14 -6.01 0.38 -28.74
C GLN B 14 -6.73 1.70 -29.02
N GLY B 15 -7.90 1.87 -28.40
CA GLY B 15 -8.66 3.11 -28.53
C GLY B 15 -8.14 4.23 -27.65
N VAL B 16 -8.85 5.35 -27.68
CA VAL B 16 -8.53 6.50 -26.85
C VAL B 16 -8.81 6.14 -25.37
N GLN B 17 -7.88 6.52 -24.49
CA GLN B 17 -8.06 6.32 -23.07
C GLN B 17 -9.21 7.23 -22.60
N LYS B 18 -10.18 6.69 -21.87
CA LYS B 18 -11.32 7.45 -21.37
C LYS B 18 -11.19 7.48 -19.85
N ILE B 19 -11.09 8.67 -19.27
CA ILE B 19 -10.85 8.83 -17.84
C ILE B 19 -12.02 9.60 -17.24
N GLY B 20 -12.68 9.01 -16.23
CA GLY B 20 -13.69 9.72 -15.46
C GLY B 20 -13.04 10.48 -14.32
N ILE B 21 -13.45 11.72 -14.12
CA ILE B 21 -12.93 12.58 -13.08
C ILE B 21 -14.16 13.10 -12.30
N LEU B 22 -14.21 12.80 -11.01
CA LEU B 22 -15.38 13.10 -10.19
C LEU B 22 -15.04 13.95 -8.99
N GLY B 23 -15.91 14.92 -8.70
CA GLY B 23 -15.99 15.56 -7.39
C GLY B 23 -17.42 15.40 -6.89
N ALA B 24 -17.67 15.82 -5.66
CA ALA B 24 -19.02 15.76 -5.10
C ALA B 24 -19.77 17.08 -5.29
N MET B 25 -19.08 18.20 -5.06
CA MET B 25 -19.68 19.54 -5.12
C MET B 25 -19.11 20.28 -6.31
N ARG B 26 -19.88 21.24 -6.83
CA ARG B 26 -19.39 22.09 -7.90
C ARG B 26 -18.02 22.70 -7.58
N GLU B 27 -17.83 23.13 -6.34
CA GLU B 27 -16.56 23.74 -5.93
C GLU B 27 -15.36 22.81 -6.10
N GLU B 28 -15.59 21.49 -6.02
CA GLU B 28 -14.50 20.52 -6.17
C GLU B 28 -14.09 20.34 -7.63
N ILE B 29 -14.99 20.61 -8.59
CA ILE B 29 -14.64 20.44 -9.99
C ILE B 29 -14.32 21.74 -10.73
N THR B 30 -14.77 22.88 -10.22
CA THR B 30 -14.43 24.17 -10.87
C THR B 30 -12.91 24.31 -11.11
N PRO B 31 -12.08 24.08 -10.09
CA PRO B 31 -10.63 24.16 -10.36
C PRO B 31 -10.10 23.09 -11.31
N ILE B 32 -10.74 21.93 -11.34
CA ILE B 32 -10.37 20.89 -12.29
C ILE B 32 -10.57 21.35 -13.73
N LEU B 33 -11.76 21.85 -14.02
CA LEU B 33 -12.08 22.33 -15.37
C LEU B 33 -11.13 23.47 -15.77
N GLU B 34 -10.87 24.37 -14.84
CA GLU B 34 -9.97 25.50 -15.10
C GLU B 34 -8.55 25.05 -15.38
N LEU B 35 -8.05 24.14 -14.54
CA LEU B 35 -6.66 23.68 -14.68
C LEU B 35 -6.40 22.91 -15.97
N PHE B 36 -7.33 22.09 -16.43
CA PHE B 36 -7.15 21.39 -17.71
C PHE B 36 -7.12 22.37 -18.88
N GLY B 37 -7.90 23.43 -18.77
CA GLY B 37 -7.85 24.55 -19.72
C GLY B 37 -8.28 24.22 -21.14
N VAL B 38 -9.07 23.16 -21.31
CA VAL B 38 -9.55 22.74 -22.62
C VAL B 38 -11.05 23.02 -22.70
N ASP B 39 -11.58 22.98 -23.92
CA ASP B 39 -13.00 23.17 -24.13
C ASP B 39 -13.72 21.88 -23.79
N PHE B 40 -14.82 22.03 -23.04
CA PHE B 40 -15.64 20.90 -22.64
C PHE B 40 -17.05 21.02 -23.24
N GLU B 41 -17.57 19.91 -23.76
CA GLU B 41 -18.96 19.77 -24.15
C GLU B 41 -19.74 19.35 -22.90
N GLU B 42 -20.84 20.03 -22.62
CA GLU B 42 -21.69 19.73 -21.47
C GLU B 42 -22.80 18.79 -21.91
N ILE B 43 -22.91 17.64 -21.26
CA ILE B 43 -23.84 16.58 -21.64
C ILE B 43 -24.68 16.25 -20.40
N PRO B 44 -25.99 16.55 -20.43
CA PRO B 44 -26.84 16.19 -19.31
C PRO B 44 -27.27 14.72 -19.35
N LEU B 45 -27.27 14.06 -18.19
CA LEU B 45 -27.74 12.69 -18.07
C LEU B 45 -28.00 12.37 -16.60
N GLY B 46 -29.19 11.84 -16.30
CA GLY B 46 -29.52 11.39 -14.94
C GLY B 46 -29.37 12.44 -13.85
N GLY B 47 -29.63 13.71 -14.19
CA GLY B 47 -29.53 14.79 -13.20
C GLY B 47 -28.13 15.34 -13.00
N ASN B 48 -27.16 14.83 -13.75
CA ASN B 48 -25.80 15.35 -13.73
C ASN B 48 -25.48 16.04 -15.04
N VAL B 49 -24.46 16.89 -14.99
CA VAL B 49 -23.85 17.45 -16.20
C VAL B 49 -22.43 16.90 -16.32
N PHE B 50 -22.18 16.20 -17.42
CA PHE B 50 -20.86 15.66 -17.71
C PHE B 50 -20.13 16.58 -18.67
N HIS B 51 -18.90 16.92 -18.32
CA HIS B 51 -18.05 17.82 -19.13
C HIS B 51 -17.04 16.95 -19.86
N LYS B 52 -17.19 16.86 -21.19
CA LYS B 52 -16.39 15.95 -21.99
C LYS B 52 -15.40 16.78 -22.80
N GLY B 53 -14.11 16.45 -22.64
CA GLY B 53 -13.03 17.13 -23.32
C GLY B 53 -11.95 16.18 -23.76
N VAL B 54 -11.01 16.74 -24.54
CA VAL B 54 -9.87 15.99 -25.04
C VAL B 54 -8.63 16.66 -24.47
N TYR B 55 -7.73 15.83 -23.94
CA TYR B 55 -6.50 16.28 -23.31
C TYR B 55 -5.41 15.23 -23.55
N HIS B 56 -4.41 15.54 -24.39
CA HIS B 56 -3.24 14.67 -24.65
C HIS B 56 -3.54 13.17 -24.96
N ASN B 57 -4.31 12.92 -26.01
CA ASN B 57 -4.69 11.55 -26.45
C ASN B 57 -5.66 10.87 -25.48
N LYS B 58 -6.27 11.65 -24.58
CA LYS B 58 -7.22 11.10 -23.62
C LYS B 58 -8.50 11.89 -23.68
N GLU B 59 -9.59 11.15 -23.55
CA GLU B 59 -10.89 11.74 -23.39
C GLU B 59 -11.13 11.80 -21.88
N ILE B 60 -11.38 13.00 -21.38
CA ILE B 60 -11.67 13.22 -19.97
C ILE B 60 -13.15 13.59 -19.81
N ILE B 61 -13.81 12.95 -18.85
N ILE B 61 -13.81 12.95 -18.85
CA ILE B 61 -15.21 13.20 -18.56
CA ILE B 61 -15.21 13.22 -18.55
C ILE B 61 -15.28 13.63 -17.10
C ILE B 61 -15.28 13.63 -17.10
N VAL B 62 -15.62 14.89 -16.87
CA VAL B 62 -15.59 15.49 -15.53
C VAL B 62 -17.00 15.80 -15.07
N ALA B 63 -17.34 15.46 -13.84
CA ALA B 63 -18.63 15.83 -13.27
C ALA B 63 -18.55 15.99 -11.77
N TYR B 64 -19.47 16.77 -11.21
CA TYR B 64 -19.73 16.69 -9.78
C TYR B 64 -21.03 15.91 -9.58
N SER B 65 -21.00 14.98 -8.61
CA SER B 65 -22.13 14.05 -8.45
C SER B 65 -23.31 14.69 -7.73
N LYS B 66 -23.02 15.71 -6.92
CA LYS B 66 -23.85 16.19 -5.80
C LYS B 66 -23.55 15.32 -4.56
N ILE B 67 -23.92 15.81 -3.40
CA ILE B 67 -23.37 15.33 -2.13
C ILE B 67 -23.95 13.95 -1.78
N GLY B 68 -23.08 13.11 -1.23
CA GLY B 68 -23.54 11.89 -0.57
C GLY B 68 -23.50 10.61 -1.37
N LYS B 69 -23.92 9.54 -0.72
CA LYS B 69 -23.70 8.20 -1.26
C LYS B 69 -24.55 7.86 -2.47
N VAL B 70 -25.83 8.21 -2.44
CA VAL B 70 -26.73 7.89 -3.55
C VAL B 70 -26.32 8.68 -4.77
N HIS B 71 -26.13 9.99 -4.60
CA HIS B 71 -25.69 10.84 -5.72
C HIS B 71 -24.42 10.27 -6.36
N SER B 72 -23.42 10.01 -5.54
CA SER B 72 -22.12 9.59 -6.07
C SER B 72 -22.17 8.19 -6.69
N THR B 73 -22.99 7.30 -6.14
CA THR B 73 -23.17 5.97 -6.72
C THR B 73 -23.76 6.10 -8.13
N LEU B 74 -24.81 6.88 -8.24
CA LEU B 74 -25.49 7.12 -9.51
C LEU B 74 -24.49 7.66 -10.56
N THR B 75 -23.81 8.74 -10.24
CA THR B 75 -22.93 9.41 -11.19
C THR B 75 -21.78 8.50 -11.63
N THR B 76 -21.21 7.74 -10.70
CA THR B 76 -20.14 6.82 -11.06
C THR B 76 -20.66 5.75 -12.01
N THR B 77 -21.85 5.23 -11.74
CA THR B 77 -22.46 4.21 -12.59
C THR B 77 -22.70 4.76 -14.00
N SER B 78 -23.21 6.00 -14.05
CA SER B 78 -23.38 6.69 -15.35
C SER B 78 -22.06 6.85 -16.10
N MET B 79 -21.02 7.30 -15.41
CA MET B 79 -19.72 7.40 -16.06
C MET B 79 -19.28 6.12 -16.71
N ILE B 80 -19.45 5.01 -16.01
CA ILE B 80 -18.98 3.72 -16.49
C ILE B 80 -19.86 3.20 -17.63
N LEU B 81 -21.18 3.22 -17.43
CA LEU B 81 -22.10 2.61 -18.41
C LEU B 81 -22.39 3.49 -19.60
N ALA B 82 -22.57 4.78 -19.37
CA ALA B 82 -22.92 5.71 -20.46
C ALA B 82 -21.74 6.35 -21.15
N PHE B 83 -20.62 6.57 -20.44
CA PHE B 83 -19.46 7.24 -21.03
C PHE B 83 -18.26 6.31 -21.26
N GLY B 84 -18.37 5.05 -20.84
CA GLY B 84 -17.34 4.06 -21.08
C GLY B 84 -15.99 4.35 -20.45
N VAL B 85 -15.96 5.03 -19.31
CA VAL B 85 -14.66 5.35 -18.71
C VAL B 85 -13.93 4.06 -18.29
N GLN B 86 -12.61 4.08 -18.44
CA GLN B 86 -11.76 2.93 -18.13
C GLN B 86 -11.08 3.08 -16.77
N LYS B 87 -11.05 4.30 -16.23
CA LYS B 87 -10.52 4.58 -14.89
C LYS B 87 -11.34 5.72 -14.31
N VAL B 88 -11.44 5.77 -12.98
CA VAL B 88 -12.10 6.88 -12.29
C VAL B 88 -11.15 7.47 -11.24
N LEU B 89 -10.96 8.78 -11.32
CA LEU B 89 -10.20 9.51 -10.31
C LEU B 89 -11.15 10.48 -9.62
N PHE B 90 -11.20 10.42 -8.29
CA PHE B 90 -12.02 11.32 -7.49
C PHE B 90 -11.13 12.36 -6.85
N SER B 91 -11.57 13.62 -6.87
CA SER B 91 -10.89 14.72 -6.21
C SER B 91 -11.89 15.55 -5.42
N GLY B 92 -11.53 15.86 -4.17
CA GLY B 92 -12.33 16.73 -3.33
C GLY B 92 -11.72 16.91 -1.97
N VAL B 93 -12.55 17.30 -1.02
CA VAL B 93 -12.10 17.63 0.32
C VAL B 93 -12.62 16.61 1.35
N ALA B 94 -12.01 16.59 2.52
CA ALA B 94 -12.40 15.63 3.56
C ALA B 94 -12.10 16.15 4.94
N GLY B 95 -12.76 15.57 5.93
CA GLY B 95 -12.45 15.85 7.33
C GLY B 95 -11.34 14.93 7.82
N SER B 96 -10.39 15.49 8.57
CA SER B 96 -9.32 14.72 9.18
C SER B 96 -9.77 14.07 10.48
N LEU B 97 -9.39 12.80 10.64
CA LEU B 97 -9.65 12.05 11.86
C LEU B 97 -8.39 11.85 12.70
N VAL B 98 -7.23 12.26 12.17
CA VAL B 98 -5.94 11.96 12.80
C VAL B 98 -5.07 13.22 12.89
N LYS B 99 -4.33 13.34 14.00
CA LYS B 99 -3.57 14.56 14.31
C LYS B 99 -2.58 14.97 13.22
N ASP B 100 -1.96 14.00 12.56
CA ASP B 100 -0.99 14.29 11.50
C ASP B 100 -1.57 14.69 10.15
N LEU B 101 -2.89 14.58 9.97
CA LEU B 101 -3.53 15.09 8.75
C LEU B 101 -4.10 16.44 9.09
N LYS B 102 -3.48 17.49 8.57
CA LYS B 102 -3.85 18.86 8.86
C LYS B 102 -4.52 19.50 7.68
N ILE B 103 -5.15 20.64 7.91
CA ILE B 103 -5.87 21.39 6.86
C ILE B 103 -4.92 21.54 5.67
N ASN B 104 -5.45 21.25 4.48
CA ASN B 104 -4.77 21.30 3.19
C ASN B 104 -3.95 20.07 2.83
N ASP B 105 -3.67 19.18 3.78
CA ASP B 105 -2.90 17.98 3.48
C ASP B 105 -3.65 17.09 2.52
N LEU B 106 -2.89 16.37 1.69
CA LEU B 106 -3.44 15.45 0.73
C LEU B 106 -3.35 14.01 1.21
N LEU B 107 -4.42 13.27 0.96
CA LEU B 107 -4.52 11.86 1.32
C LEU B 107 -5.01 11.10 0.10
N VAL B 108 -4.40 9.96 -0.19
CA VAL B 108 -4.99 8.99 -1.11
C VAL B 108 -5.58 7.83 -0.30
N ALA B 109 -6.79 7.40 -0.64
CA ALA B 109 -7.42 6.26 0.04
C ALA B 109 -6.70 4.93 -0.29
N THR B 110 -6.40 4.16 0.75
CA THR B 110 -5.97 2.78 0.53
C THR B 110 -7.22 1.94 0.33
N GLN B 111 -8.05 1.95 1.35
CA GLN B 111 -9.34 1.25 1.35
C GLN B 111 -10.40 2.18 1.93
N LEU B 112 -11.66 1.89 1.64
CA LEU B 112 -12.78 2.72 2.07
C LEU B 112 -13.86 1.89 2.70
N VAL B 113 -14.65 2.54 3.56
CA VAL B 113 -15.75 1.88 4.26
C VAL B 113 -16.97 2.78 4.28
N GLN B 114 -18.15 2.17 4.28
CA GLN B 114 -19.41 2.90 4.54
C GLN B 114 -19.67 2.86 6.03
N HIS B 115 -19.30 3.94 6.71
CA HIS B 115 -19.25 3.92 8.17
C HIS B 115 -20.59 3.94 8.85
N ASP B 116 -21.65 4.27 8.11
CA ASP B 116 -22.99 4.39 8.64
C ASP B 116 -23.88 3.18 8.41
N VAL B 117 -23.32 2.15 7.78
CA VAL B 117 -24.04 0.89 7.60
C VAL B 117 -24.15 0.14 8.92
N ASP B 118 -25.37 -0.25 9.29
CA ASP B 118 -25.60 -0.89 10.60
C ASP B 118 -26.65 -1.99 10.47
N LEU B 119 -26.14 -3.22 10.36
CA LEU B 119 -26.95 -4.43 10.37
C LEU B 119 -26.64 -5.25 11.61
N SER B 120 -26.26 -4.55 12.68
CA SER B 120 -25.94 -5.19 13.96
C SER B 120 -27.12 -5.89 14.59
N ALA B 121 -28.36 -5.58 14.19
CA ALA B 121 -29.54 -6.32 14.69
C ALA B 121 -29.46 -7.81 14.33
N PHE B 122 -28.70 -8.15 13.27
CA PHE B 122 -28.50 -9.54 12.84
C PHE B 122 -27.07 -10.01 13.14
N ASP B 123 -26.42 -9.33 14.09
CA ASP B 123 -25.04 -9.62 14.51
C ASP B 123 -23.96 -9.47 13.44
N HIS B 124 -24.22 -8.64 12.44
CA HIS B 124 -23.19 -8.28 11.48
C HIS B 124 -22.34 -7.16 12.09
N PRO B 125 -21.03 -7.21 11.83
CA PRO B 125 -20.18 -6.08 12.23
C PRO B 125 -20.63 -4.81 11.50
N LEU B 126 -20.41 -3.69 12.15
CA LEU B 126 -20.76 -2.39 11.56
C LEU B 126 -19.96 -2.22 10.27
N GLY B 127 -20.62 -1.62 9.25
CA GLY B 127 -20.02 -1.47 7.94
C GLY B 127 -20.27 -2.61 6.98
N PHE B 128 -20.70 -3.77 7.49
CA PHE B 128 -20.83 -4.96 6.68
C PHE B 128 -22.24 -5.13 6.14
N ILE B 129 -22.34 -5.51 4.87
CA ILE B 129 -23.58 -5.95 4.26
C ILE B 129 -23.37 -7.33 3.67
N PRO B 130 -24.34 -8.25 3.89
CA PRO B 130 -24.23 -9.56 3.23
C PRO B 130 -23.98 -9.46 1.73
N GLU B 131 -23.15 -10.37 1.22
CA GLU B 131 -22.75 -10.41 -0.18
C GLU B 131 -21.86 -9.21 -0.56
N SER B 132 -21.27 -8.56 0.45
CA SER B 132 -20.31 -7.50 0.24
C SER B 132 -19.17 -7.65 1.24
N ALA B 133 -18.54 -6.55 1.64
CA ALA B 133 -17.44 -6.56 2.59
C ALA B 133 -17.33 -5.19 3.21
N ILE B 134 -16.69 -5.11 4.38
CA ILE B 134 -16.55 -3.85 5.07
C ILE B 134 -15.68 -2.90 4.24
N PHE B 135 -14.52 -3.39 3.82
CA PHE B 135 -13.53 -2.56 3.16
C PHE B 135 -13.54 -2.77 1.66
N ILE B 136 -13.48 -1.65 0.95
CA ILE B 136 -13.45 -1.60 -0.49
C ILE B 136 -12.05 -1.17 -0.93
N GLU B 137 -11.48 -1.88 -1.89
CA GLU B 137 -10.11 -1.66 -2.36
C GLU B 137 -10.06 -0.68 -3.51
N THR B 138 -8.85 -0.11 -3.72
CA THR B 138 -8.60 0.85 -4.79
C THR B 138 -7.46 0.35 -5.68
N SER B 139 -7.13 1.11 -6.71
CA SER B 139 -6.13 0.71 -7.68
C SER B 139 -4.70 0.88 -7.19
N GLY B 140 -3.96 -0.22 -7.11
CA GLY B 140 -2.54 -0.15 -6.80
C GLY B 140 -1.72 0.62 -7.79
N SER B 141 -2.02 0.46 -9.09
N SER B 141 -2.04 0.46 -9.08
CA SER B 141 -1.30 1.20 -10.12
CA SER B 141 -1.35 1.20 -10.12
C SER B 141 -1.56 2.70 -10.02
C SER B 141 -1.55 2.70 -9.99
N LEU B 142 -2.79 3.12 -9.74
CA LEU B 142 -3.08 4.54 -9.59
C LEU B 142 -2.51 5.09 -8.30
N ASN B 143 -2.59 4.32 -7.23
CA ASN B 143 -2.01 4.77 -5.96
C ASN B 143 -0.48 4.91 -6.09
N ALA B 144 0.15 3.99 -6.80
CA ALA B 144 1.58 4.09 -7.12
C ALA B 144 1.92 5.33 -7.93
N LEU B 145 1.08 5.66 -8.90
CA LEU B 145 1.26 6.88 -9.68
C LEU B 145 1.18 8.11 -8.80
N ALA B 146 0.18 8.15 -7.92
CA ALA B 146 0.04 9.28 -7.00
C ALA B 146 1.32 9.44 -6.16
N LYS B 147 1.82 8.34 -5.63
CA LYS B 147 3.02 8.41 -4.80
C LYS B 147 4.25 8.82 -5.58
N LYS B 148 4.36 8.34 -6.82
CA LYS B 148 5.48 8.71 -7.71
C LYS B 148 5.48 10.21 -7.96
N ILE B 149 4.33 10.75 -8.31
CA ILE B 149 4.19 12.20 -8.53
C ILE B 149 4.48 13.00 -7.28
N ALA B 150 3.93 12.57 -6.15
CA ALA B 150 4.15 13.29 -4.90
C ALA B 150 5.65 13.37 -4.57
N ASN B 151 6.35 12.25 -4.75
CA ASN B 151 7.78 12.19 -4.49
C ASN B 151 8.56 13.12 -5.44
N GLU B 152 8.19 13.11 -6.71
CA GLU B 152 8.81 14.01 -7.69
C GLU B 152 8.58 15.49 -7.42
N GLN B 153 7.37 15.84 -6.95
CA GLN B 153 7.04 17.24 -6.65
C GLN B 153 7.37 17.66 -5.22
N HIS B 154 7.91 16.74 -4.41
CA HIS B 154 8.23 17.01 -3.01
C HIS B 154 6.98 17.44 -2.23
N ILE B 155 5.89 16.74 -2.51
CA ILE B 155 4.61 16.97 -1.84
C ILE B 155 4.44 15.84 -0.85
N ALA B 156 4.04 16.19 0.36
CA ALA B 156 3.66 15.19 1.33
C ALA B 156 2.32 14.61 0.88
N LEU B 157 2.28 13.34 0.61
CA LEU B 157 1.02 12.64 0.34
C LEU B 157 0.91 11.56 1.37
N LYS B 158 -0.18 11.54 2.12
CA LYS B 158 -0.47 10.46 3.03
C LYS B 158 -1.36 9.46 2.37
N GLU B 159 -1.44 8.28 2.95
CA GLU B 159 -2.36 7.25 2.49
C GLU B 159 -3.05 6.64 3.69
N GLY B 160 -4.29 6.21 3.54
CA GLY B 160 -5.02 5.68 4.67
C GLY B 160 -6.44 5.34 4.33
N VAL B 161 -7.14 4.79 5.31
CA VAL B 161 -8.52 4.39 5.18
C VAL B 161 -9.43 5.62 5.22
N ILE B 162 -10.38 5.68 4.28
CA ILE B 162 -11.35 6.78 4.26
C ILE B 162 -12.72 6.19 4.57
N ALA B 163 -13.41 6.80 5.52
CA ALA B 163 -14.77 6.45 5.89
C ALA B 163 -15.74 7.39 5.19
N SER B 164 -16.81 6.82 4.63
CA SER B 164 -17.84 7.60 3.95
C SER B 164 -19.21 7.29 4.52
N GLY B 165 -20.04 8.31 4.69
CA GLY B 165 -21.41 8.12 5.16
C GLY B 165 -22.27 9.30 4.72
N ASP B 166 -23.56 9.25 5.02
CA ASP B 166 -24.48 10.29 4.59
C ASP B 166 -24.75 11.33 5.69
N GLN B 167 -23.77 11.51 6.55
CA GLN B 167 -23.82 12.58 7.57
C GLN B 167 -22.51 13.36 7.50
N PHE B 168 -22.62 14.67 7.68
CA PHE B 168 -21.42 15.49 7.90
C PHE B 168 -21.02 15.28 9.33
N VAL B 169 -19.79 14.81 9.55
CA VAL B 169 -19.29 14.48 10.89
C VAL B 169 -18.71 15.71 11.56
N HIS B 170 -19.24 16.03 12.75
CA HIS B 170 -18.85 17.23 13.46
C HIS B 170 -18.97 17.04 14.96
N SER B 171 -18.42 15.93 15.45
CA SER B 171 -18.40 15.62 16.88
C SER B 171 -17.23 14.76 17.26
N LYS B 172 -16.69 15.01 18.46
CA LYS B 172 -15.65 14.18 19.03
C LYS B 172 -16.07 12.72 19.08
N GLU B 173 -17.32 12.47 19.51
CA GLU B 173 -17.79 11.11 19.70
C GLU B 173 -17.80 10.34 18.39
N ARG B 174 -18.31 10.96 17.33
CA ARG B 174 -18.35 10.25 16.05
C ARG B 174 -16.96 10.06 15.45
N LYS B 175 -16.10 11.06 15.54
CA LYS B 175 -14.70 10.92 15.08
C LYS B 175 -14.03 9.73 15.72
N GLU B 176 -14.15 9.65 17.04
CA GLU B 176 -13.51 8.57 17.77
C GLU B 176 -14.05 7.20 17.41
N PHE B 177 -15.35 7.11 17.16
CA PHE B 177 -15.96 5.89 16.63
C PHE B 177 -15.32 5.46 15.31
N LEU B 178 -15.15 6.40 14.39
CA LEU B 178 -14.58 6.08 13.09
C LEU B 178 -13.15 5.55 13.20
N VAL B 179 -12.38 6.11 14.12
CA VAL B 179 -11.02 5.68 14.33
C VAL B 179 -11.00 4.29 15.02
N SER B 180 -11.79 4.14 16.06
CA SER B 180 -11.83 2.87 16.81
C SER B 180 -12.40 1.73 15.98
N GLU B 181 -13.50 1.98 15.27
CA GLU B 181 -14.18 0.92 14.52
C GLU B 181 -13.50 0.53 13.23
N PHE B 182 -13.05 1.53 12.47
CA PHE B 182 -12.56 1.32 11.11
C PHE B 182 -11.10 1.70 10.87
N LYS B 183 -10.44 2.23 11.90
CA LYS B 183 -9.07 2.75 11.76
C LYS B 183 -8.98 3.75 10.61
N ALA B 184 -10.03 4.56 10.46
CA ALA B 184 -10.08 5.55 9.39
C ALA B 184 -9.19 6.73 9.69
N SER B 185 -8.63 7.33 8.63
CA SER B 185 -7.82 8.55 8.71
C SER B 185 -8.58 9.83 8.32
N ALA B 186 -9.58 9.67 7.47
CA ALA B 186 -10.39 10.79 7.01
C ALA B 186 -11.82 10.37 6.81
N VAL B 187 -12.72 11.36 6.76
CA VAL B 187 -14.13 11.14 6.59
C VAL B 187 -14.70 12.05 5.49
N GLU B 188 -15.61 11.49 4.71
CA GLU B 188 -16.29 12.23 3.67
C GLU B 188 -17.59 11.51 3.34
N MET B 189 -18.23 11.80 2.21
CA MET B 189 -19.59 11.31 1.98
C MET B 189 -19.76 10.62 0.63
N GLU B 190 -18.65 10.31 -0.06
CA GLU B 190 -18.74 9.80 -1.43
C GLU B 190 -17.68 8.79 -1.84
N GLY B 191 -16.53 8.75 -1.18
CA GLY B 191 -15.43 7.94 -1.68
C GLY B 191 -15.76 6.48 -1.72
N ALA B 192 -16.35 5.96 -0.65
CA ALA B 192 -16.64 4.54 -0.57
C ALA B 192 -17.62 4.12 -1.64
N SER B 193 -18.62 4.95 -1.90
CA SER B 193 -19.63 4.61 -2.92
C SER B 193 -19.02 4.66 -4.34
N VAL B 194 -18.19 5.65 -4.61
CA VAL B 194 -17.46 5.73 -5.90
C VAL B 194 -16.59 4.49 -6.09
N ALA B 195 -15.78 4.20 -5.08
CA ALA B 195 -14.85 3.06 -5.14
C ALA B 195 -15.60 1.75 -5.22
N PHE B 196 -16.75 1.66 -4.55
CA PHE B 196 -17.58 0.46 -4.58
C PHE B 196 -18.08 0.20 -5.99
N VAL B 197 -18.66 1.21 -6.62
CA VAL B 197 -19.16 1.05 -7.98
C VAL B 197 -18.02 0.59 -8.90
N CYS B 198 -16.88 1.26 -8.80
CA CYS B 198 -15.73 0.94 -9.67
C CYS B 198 -15.30 -0.50 -9.48
N GLN B 199 -15.25 -0.95 -8.23
CA GLN B 199 -14.87 -2.33 -7.97
C GLN B 199 -15.87 -3.30 -8.58
N LYS B 200 -17.16 -3.01 -8.48
CA LYS B 200 -18.18 -3.90 -9.06
C LYS B 200 -18.08 -4.05 -10.58
N PHE B 201 -17.63 -3.01 -11.26
CA PHE B 201 -17.48 -3.00 -12.73
C PHE B 201 -16.04 -3.30 -13.18
N GLY B 202 -15.13 -3.55 -12.25
CA GLY B 202 -13.74 -3.82 -12.58
C GLY B 202 -12.99 -2.63 -13.16
N VAL B 203 -13.34 -1.42 -12.71
CA VAL B 203 -12.75 -0.20 -13.21
C VAL B 203 -11.76 0.32 -12.16
N PRO B 204 -10.49 0.55 -12.53
CA PRO B 204 -9.54 1.13 -11.60
C PRO B 204 -10.01 2.46 -11.02
N CYS B 205 -9.84 2.65 -9.71
CA CYS B 205 -10.31 3.85 -9.02
C CYS B 205 -9.23 4.37 -8.07
N CYS B 206 -9.08 5.69 -8.00
CA CYS B 206 -8.24 6.36 -7.02
C CYS B 206 -9.09 7.46 -6.40
N VAL B 207 -9.08 7.54 -5.06
CA VAL B 207 -9.79 8.60 -4.34
C VAL B 207 -8.77 9.51 -3.66
N LEU B 208 -8.72 10.76 -4.11
N LEU B 208 -8.76 10.76 -4.08
CA LEU B 208 -7.86 11.81 -3.53
CA LEU B 208 -7.82 11.76 -3.57
C LEU B 208 -8.70 12.80 -2.76
C LEU B 208 -8.64 12.82 -2.79
N ARG B 209 -8.21 13.19 -1.59
CA ARG B 209 -8.88 14.19 -0.76
C ARG B 209 -7.86 15.12 -0.14
N SER B 210 -8.22 16.41 -0.06
CA SER B 210 -7.46 17.37 0.73
C SER B 210 -8.28 17.78 1.94
N ILE B 211 -7.63 17.92 3.08
CA ILE B 211 -8.33 18.12 4.35
C ILE B 211 -8.90 19.55 4.41
N SER B 212 -10.19 19.66 4.72
CA SER B 212 -10.87 20.96 4.90
C SER B 212 -11.21 21.28 6.35
N ASP B 213 -11.19 20.28 7.23
CA ASP B 213 -11.65 20.42 8.60
C ASP B 213 -11.24 19.23 9.44
N ASN B 214 -11.50 19.30 10.74
CA ASN B 214 -11.15 18.24 11.68
C ASN B 214 -12.34 17.44 12.20
N ALA B 215 -13.47 17.50 11.49
CA ALA B 215 -14.61 16.62 11.76
C ALA B 215 -15.14 16.71 13.19
N ASP B 216 -14.93 17.88 13.79
CA ASP B 216 -15.28 18.15 15.18
C ASP B 216 -16.35 19.22 15.21
N GLU B 217 -16.60 19.81 16.39
CA GLU B 217 -17.71 20.74 16.56
C GLU B 217 -17.55 22.02 15.71
N LYS B 218 -16.31 22.35 15.34
CA LYS B 218 -16.03 23.51 14.48
C LYS B 218 -15.92 23.16 12.99
N ALA B 219 -16.24 21.92 12.62
CA ALA B 219 -16.01 21.46 11.26
C ALA B 219 -16.83 22.21 10.22
N GLY B 220 -18.07 22.58 10.53
CA GLY B 220 -18.89 23.32 9.56
C GLY B 220 -18.22 24.64 9.16
N MET B 221 -17.77 25.39 10.16
N MET B 221 -17.80 25.39 10.18
CA MET B 221 -17.08 26.65 9.93
CA MET B 221 -17.09 26.66 9.97
C MET B 221 -15.73 26.47 9.25
C MET B 221 -15.78 26.43 9.20
N SER B 222 -14.98 25.45 9.64
CA SER B 222 -13.69 25.14 8.99
C SER B 222 -13.90 24.76 7.54
N PHE B 223 -14.88 23.89 7.30
CA PHE B 223 -15.23 23.50 5.94
C PHE B 223 -15.54 24.73 5.05
N ASP B 224 -16.40 25.61 5.54
CA ASP B 224 -16.75 26.79 4.73
C ASP B 224 -15.52 27.66 4.46
N GLU B 225 -14.63 27.76 5.43
CA GLU B 225 -13.41 28.56 5.27
C GLU B 225 -12.43 27.97 4.24
N PHE B 226 -12.27 26.63 4.25
CA PHE B 226 -11.19 25.98 3.51
C PHE B 226 -11.61 25.19 2.28
N LEU B 227 -12.91 25.12 2.01
CA LEU B 227 -13.39 24.35 0.84
C LEU B 227 -12.66 24.72 -0.46
N GLU B 228 -12.61 26.01 -0.74
CA GLU B 228 -11.99 26.51 -1.99
C GLU B 228 -10.53 26.12 -2.09
N LYS B 229 -9.77 26.38 -1.04
CA LYS B 229 -8.33 26.16 -1.07
C LYS B 229 -8.03 24.67 -1.15
N SER B 230 -8.68 23.90 -0.27
CA SER B 230 -8.48 22.44 -0.24
C SER B 230 -8.93 21.79 -1.55
N ALA B 231 -10.04 22.26 -2.13
CA ALA B 231 -10.51 21.74 -3.41
C ALA B 231 -9.48 21.97 -4.51
N HIS B 232 -8.87 23.16 -4.51
CA HIS B 232 -7.85 23.48 -5.50
C HIS B 232 -6.59 22.60 -5.31
N THR B 233 -6.15 22.43 -4.08
CA THR B 233 -5.01 21.56 -3.75
C THR B 233 -5.23 20.14 -4.32
N SER B 234 -6.41 19.57 -4.10
CA SER B 234 -6.71 18.26 -4.62
C SER B 234 -6.78 18.27 -6.14
N ALA B 235 -7.41 19.30 -6.69
CA ALA B 235 -7.56 19.40 -8.15
C ALA B 235 -6.22 19.45 -8.88
N LYS B 236 -5.31 20.24 -8.32
CA LYS B 236 -3.95 20.40 -8.89
C LYS B 236 -3.25 19.05 -8.92
N PHE B 237 -3.39 18.30 -7.83
CA PHE B 237 -2.77 16.99 -7.75
C PHE B 237 -3.39 16.01 -8.74
N LEU B 238 -4.72 16.04 -8.85
CA LEU B 238 -5.39 15.16 -9.79
C LEU B 238 -4.91 15.48 -11.21
N LYS B 239 -4.80 16.76 -11.55
CA LYS B 239 -4.31 17.12 -12.88
C LYS B 239 -2.90 16.57 -13.13
N SER B 240 -2.03 16.67 -12.13
N SER B 240 -2.02 16.69 -12.14
CA SER B 240 -0.67 16.16 -12.26
CA SER B 240 -0.67 16.16 -12.28
C SER B 240 -0.66 14.65 -12.51
C SER B 240 -0.67 14.64 -12.53
N MET B 241 -1.62 13.92 -11.94
CA MET B 241 -1.77 12.49 -12.25
C MET B 241 -2.20 12.25 -13.69
N VAL B 242 -3.20 12.97 -14.14
CA VAL B 242 -3.70 12.80 -15.50
C VAL B 242 -2.58 13.12 -16.51
N ASP B 243 -1.73 14.09 -16.19
CA ASP B 243 -0.57 14.43 -17.05
C ASP B 243 0.37 13.24 -17.28
N GLU B 244 0.39 12.27 -16.36
CA GLU B 244 1.23 11.08 -16.46
C GLU B 244 0.53 9.83 -16.95
N LEU B 245 -0.78 9.90 -17.22
CA LEU B 245 -1.52 8.73 -17.69
C LEU B 245 -1.36 8.57 -19.20
C1 EDO C . 18.92 -6.09 -13.62
O1 EDO C . 20.25 -5.53 -13.63
C2 EDO C . 17.92 -5.03 -14.10
O2 EDO C . 17.88 -3.84 -13.33
O3' OS2 D . 12.28 -3.19 -1.93
C3' OS2 D . 12.43 -3.43 -3.35
C2' OS2 D . 12.62 -4.90 -3.61
N1' OS2 D . 11.25 -5.37 -3.37
C1' OS2 D . 10.30 -4.35 -3.86
C4' OS2 D . 11.13 -3.10 -4.08
C5' OS2 D . 11.26 -2.92 -5.57
S5' OS2 D . 11.87 -1.34 -5.96
C20 OS2 D . 10.44 -0.27 -5.82
C21 OS2 D . 10.79 1.07 -6.28
C22 OS2 D . 11.16 2.22 -6.65
C10 OS2 D . 10.99 -6.73 -3.85
C9 OS2 D . 10.88 -7.04 -5.32
C4 OS2 D . 11.91 -7.12 -6.36
N3 OS2 D . 13.23 -6.83 -6.32
C8 OS2 D . 9.70 -7.40 -5.96
N7 OS2 D . 9.93 -7.67 -7.28
C5 OS2 D . 11.22 -7.51 -7.58
C6 OS2 D . 12.07 -7.63 -8.77
N6 OS2 D . 11.53 -8.01 -9.95
N1 OS2 D . 13.38 -7.35 -8.64
C2 OS2 D . 13.93 -6.97 -7.45
N NH4 E . 25.26 -3.87 -4.96
C1 EDO F . -11.69 -0.71 -8.45
O1 EDO F . -11.36 -1.39 -9.65
C2 EDO F . -10.44 -0.09 -7.76
O2 EDO F . -9.24 -0.08 -8.54
C1 EDO G . -17.71 31.29 -0.03
O1 EDO G . -18.49 31.06 -1.21
C2 EDO G . -16.26 31.56 -0.38
O2 EDO G . -15.54 32.04 0.77
C1 EDO H . -22.05 24.37 12.14
O1 EDO H . -22.02 22.97 12.42
C2 EDO H . -21.91 24.98 13.50
O2 EDO H . -20.87 25.92 13.45
C1 EDO I . -24.70 7.29 11.70
O1 EDO I . -25.98 6.79 11.29
C2 EDO I . -24.83 8.30 12.82
O2 EDO I . -25.29 7.67 14.01
C1 EDO J . -24.06 18.22 -11.40
O1 EDO J . -23.72 17.11 -12.22
C2 EDO J . -25.56 18.52 -11.33
O2 EDO J . -26.02 18.72 -12.68
C1 EDO K . -6.90 -1.51 5.59
O1 EDO K . -5.61 -1.33 6.19
C2 EDO K . -7.86 -2.17 6.58
O2 EDO K . -8.19 -3.49 6.16
C1 EDO L . -21.95 25.07 3.13
O1 EDO L . -23.25 25.61 3.39
C2 EDO L . -22.01 24.01 2.04
O2 EDO L . -21.53 24.56 0.81
C1 EDO M . -16.53 30.18 -3.91
O1 EDO M . -16.55 29.08 -4.82
C2 EDO M . -15.10 30.60 -3.58
O2 EDO M . -14.27 30.52 -4.75
O3' OS2 N . -19.72 16.39 -0.23
C3' OS2 N . -19.83 16.51 1.19
C2' OS2 N . -18.74 15.66 1.82
N1' OS2 N . -17.55 16.49 1.57
C1' OS2 N . -17.94 17.92 1.68
C4' OS2 N . -19.46 17.91 1.68
C5' OS2 N . -19.91 18.24 3.08
S5' OS2 N . -21.58 18.68 3.12
C20 OS2 N . -21.58 20.38 2.55
C21 OS2 N . -22.96 20.84 2.59
C22 OS2 N . -24.17 21.18 2.66
C10 OS2 N . -16.35 16.14 2.32
C9 OS2 N . -16.25 16.45 3.78
C4 OS2 N . -16.88 15.80 4.92
N3 OS2 N . -17.81 14.83 4.99
C8 OS2 N . -15.39 17.37 4.35
N7 OS2 N . -15.45 17.37 5.70
C5 OS2 N . -16.35 16.44 6.10
C6 OS2 N . -16.88 15.98 7.36
N6 OS2 N . -16.42 16.54 8.49
N1 OS2 N . -17.81 14.99 7.37
C2 OS2 N . -18.26 14.46 6.20
N NH4 O . -26.51 6.14 4.49
#